data_2AUZ
#
_entry.id   2AUZ
#
_cell.length_a   56.704
_cell.length_b   56.704
_cell.length_c   130.375
_cell.angle_alpha   90
_cell.angle_beta   90
_cell.angle_gamma   90
#
_symmetry.space_group_name_H-M   'P 43 21 2'
#
loop_
_entity.id
_entity.type
_entity.pdbx_description
1 polymer 'Cathepsin K'
2 non-polymer 'SULFATE ION'
3 non-polymer 1-(PHENYLMETHYL)CYCLOPENTYL[(1S)-1-FORMYLPENTYL]CARBAMATE
4 water water
#
_entity_poly.entity_id   1
_entity_poly.type   'polypeptide(L)'
_entity_poly.pdbx_seq_one_letter_code
;APDSVDYRKKGYVTPVKNQGQCGSCWAFSSVGALEGQLKKKTGKLLNLSPQNLVDCVSENDGCGGGYMTNAFQYVQKNRG
IDSEDAYPYVGQEESCMYNPTGKAAKCRGYREIPEGNEKALKRAVARVGPVSVAIDASLTSFQFYSKGVYYDESCNSDNL
NHAVLAVGYGIQKGNKHWIIKNSWGENWGNKGYILMARNKNNACGIANLASFPKM
;
_entity_poly.pdbx_strand_id   A
#
loop_
_chem_comp.id
_chem_comp.type
_chem_comp.name
_chem_comp.formula
CT2 non-polymer 1-(PHENYLMETHYL)CYCLOPENTYL[(1S)-1-FORMYLPENTYL]CARBAMATE 'C19 H27 N O3'
SO4 non-polymer 'SULFATE ION' 'O4 S -2'
#
# COMPACT_ATOMS: atom_id res chain seq x y z
N ALA A 1 -10.80 26.26 -4.06
CA ALA A 1 -10.15 25.47 -2.96
C ALA A 1 -10.14 23.99 -3.32
N PRO A 2 -9.13 23.56 -4.09
CA PRO A 2 -8.90 22.19 -4.57
C PRO A 2 -8.94 21.10 -3.51
N ASP A 3 -9.49 19.95 -3.89
CA ASP A 3 -9.56 18.82 -2.96
C ASP A 3 -8.17 18.34 -2.62
N SER A 4 -7.96 18.07 -1.34
CA SER A 4 -6.68 17.61 -0.83
C SER A 4 -6.90 16.73 0.40
N VAL A 5 -6.08 15.70 0.55
CA VAL A 5 -6.20 14.80 1.69
C VAL A 5 -4.85 14.16 2.04
N ASP A 6 -4.53 14.15 3.33
CA ASP A 6 -3.29 13.56 3.83
C ASP A 6 -3.60 12.74 5.07
N TYR A 7 -3.91 11.46 4.85
CA TYR A 7 -4.26 10.56 5.94
C TYR A 7 -3.21 10.45 7.05
N ARG A 8 -1.99 10.88 6.78
CA ARG A 8 -0.92 10.81 7.78
C ARG A 8 -1.28 11.71 8.96
N LYS A 9 -1.90 12.84 8.64
CA LYS A 9 -2.33 13.81 9.65
C LYS A 9 -3.54 13.27 10.42
N LYS A 10 -4.27 12.35 9.79
CA LYS A 10 -5.47 11.79 10.39
C LYS A 10 -5.22 10.59 11.30
N GLY A 11 -3.99 10.08 11.30
CA GLY A 11 -3.69 8.94 12.15
C GLY A 11 -4.03 7.60 11.50
N TYR A 12 -4.16 7.60 10.17
CA TYR A 12 -4.47 6.37 9.42
C TYR A 12 -3.22 5.61 8.98
N VAL A 13 -2.05 6.21 9.18
CA VAL A 13 -0.82 5.57 8.72
C VAL A 13 0.26 5.30 9.77
N THR A 14 0.81 4.10 9.70
CA THR A 14 1.86 3.65 10.61
C THR A 14 3.21 4.10 10.05
N PRO A 15 4.28 3.96 10.85
CA PRO A 15 5.61 4.35 10.38
C PRO A 15 6.05 3.53 9.17
N VAL A 16 6.93 4.11 8.36
CA VAL A 16 7.42 3.42 7.16
C VAL A 16 8.25 2.20 7.54
N LYS A 17 7.95 1.06 6.91
CA LYS A 17 8.66 -0.19 7.16
C LYS A 17 9.68 -0.47 6.04
N ASN A 18 10.44 -1.55 6.16
CA ASN A 18 11.45 -1.90 5.17
C ASN A 18 11.39 -3.39 4.81
N GLN A 19 11.09 -3.69 3.55
CA GLN A 19 10.99 -5.07 3.09
C GLN A 19 12.27 -5.87 3.29
N GLY A 20 13.42 -5.19 3.24
CA GLY A 20 14.68 -5.89 3.37
C GLY A 20 14.88 -6.67 2.07
N GLN A 21 15.59 -7.79 2.13
CA GLN A 21 15.82 -8.59 0.93
C GLN A 21 14.62 -9.53 0.75
N CYS A 22 13.47 -8.96 0.39
CA CYS A 22 12.26 -9.76 0.22
C CYS A 22 11.25 -9.02 -0.66
N GLY A 23 10.83 -9.67 -1.74
CA GLY A 23 9.87 -9.07 -2.64
C GLY A 23 8.49 -9.11 -2.01
N SER A 24 8.34 -8.47 -0.86
CA SER A 24 7.08 -8.43 -0.14
C SER A 24 6.37 -7.07 -0.21
N CYS A 25 6.68 -6.29 -1.24
CA CYS A 25 6.04 -4.99 -1.41
C CYS A 25 4.52 -5.12 -1.22
N TRP A 26 3.92 -6.13 -1.85
CA TRP A 26 2.48 -6.32 -1.76
C TRP A 26 1.94 -6.56 -0.34
N ALA A 27 2.74 -7.21 0.51
CA ALA A 27 2.30 -7.44 1.89
C ALA A 27 2.24 -6.11 2.65
N PHE A 28 3.28 -5.28 2.51
CA PHE A 28 3.28 -3.98 3.20
C PHE A 28 2.14 -3.12 2.68
N SER A 29 1.91 -3.19 1.38
CA SER A 29 0.83 -2.43 0.76
C SER A 29 -0.51 -2.89 1.33
N SER A 30 -0.74 -4.20 1.40
CA SER A 30 -2.01 -4.72 1.92
C SER A 30 -2.17 -4.33 3.39
N VAL A 31 -1.13 -4.57 4.19
CA VAL A 31 -1.16 -4.24 5.60
C VAL A 31 -1.47 -2.76 5.77
N GLY A 32 -0.88 -1.94 4.90
CA GLY A 32 -1.13 -0.51 4.97
C GLY A 32 -2.59 -0.17 4.73
N ALA A 33 -3.23 -0.88 3.81
CA ALA A 33 -4.64 -0.64 3.50
C ALA A 33 -5.50 -1.10 4.67
N LEU A 34 -5.17 -2.28 5.21
CA LEU A 34 -5.89 -2.83 6.34
C LEU A 34 -5.76 -1.90 7.54
N GLU A 35 -4.56 -1.33 7.72
CA GLU A 35 -4.30 -0.42 8.85
C GLU A 35 -5.17 0.84 8.77
N GLY A 36 -5.34 1.37 7.56
CA GLY A 36 -6.16 2.56 7.40
C GLY A 36 -7.60 2.27 7.76
N GLN A 37 -8.12 1.15 7.28
CA GLN A 37 -9.50 0.77 7.57
C GLN A 37 -9.67 0.43 9.04
N LEU A 38 -8.62 -0.09 9.67
CA LEU A 38 -8.67 -0.44 11.08
C LEU A 38 -8.94 0.84 11.87
N LYS A 39 -8.11 1.86 11.67
CA LYS A 39 -8.26 3.15 12.33
C LYS A 39 -9.65 3.74 12.08
N LYS A 40 -10.07 3.76 10.82
CA LYS A 40 -11.37 4.31 10.46
C LYS A 40 -12.56 3.60 11.12
N LYS A 41 -12.46 2.28 11.28
CA LYS A 41 -13.57 1.54 11.88
C LYS A 41 -13.53 1.44 13.40
N THR A 42 -12.34 1.22 13.97
CA THR A 42 -12.20 1.09 15.41
C THR A 42 -11.72 2.35 16.13
N GLY A 43 -11.42 3.40 15.37
CA GLY A 43 -10.94 4.64 15.98
C GLY A 43 -9.48 4.61 16.34
N LYS A 44 -8.83 3.47 16.15
CA LYS A 44 -7.41 3.36 16.48
C LYS A 44 -6.73 2.29 15.65
N LEU A 45 -5.44 2.46 15.38
CA LEU A 45 -4.77 1.45 14.59
C LEU A 45 -3.57 0.91 15.30
N LEU A 46 -2.99 -0.11 14.70
CA LEU A 46 -1.80 -0.80 15.22
C LEU A 46 -1.02 -1.16 13.98
N ASN A 47 0.18 -1.68 14.18
CA ASN A 47 1.01 -2.12 13.09
C ASN A 47 0.57 -3.56 12.84
N LEU A 48 0.01 -3.83 11.67
CA LEU A 48 -0.42 -5.20 11.36
C LEU A 48 0.78 -6.00 10.87
N SER A 49 0.59 -7.31 10.73
CA SER A 49 1.68 -8.20 10.35
C SER A 49 1.88 -8.57 8.87
N PRO A 50 2.89 -7.97 8.24
CA PRO A 50 3.14 -8.27 6.81
C PRO A 50 3.74 -9.68 6.68
N GLN A 51 4.47 -10.11 7.71
CA GLN A 51 5.09 -11.43 7.72
C GLN A 51 4.00 -12.49 7.71
N ASN A 52 2.88 -12.16 8.36
CA ASN A 52 1.73 -13.05 8.44
C ASN A 52 1.24 -13.32 7.02
N LEU A 53 1.18 -12.27 6.21
CA LEU A 53 0.74 -12.40 4.82
C LEU A 53 1.74 -13.17 3.98
N VAL A 54 3.03 -12.89 4.18
CA VAL A 54 4.07 -13.57 3.43
C VAL A 54 4.07 -15.08 3.62
N ASP A 55 3.94 -15.51 4.87
CA ASP A 55 3.96 -16.93 5.20
C ASP A 55 2.66 -17.70 4.97
N CYS A 56 1.52 -17.05 5.22
CA CYS A 56 0.23 -17.73 5.10
C CYS A 56 -0.55 -17.57 3.80
N VAL A 57 -0.44 -16.42 3.13
CA VAL A 57 -1.18 -16.23 1.89
C VAL A 57 -0.62 -17.15 0.82
N SER A 58 -1.07 -18.40 0.85
CA SER A 58 -0.64 -19.42 -0.11
C SER A 58 -0.95 -19.06 -1.56
N GLU A 59 -1.96 -18.22 -1.77
CA GLU A 59 -2.31 -17.81 -3.13
C GLU A 59 -1.21 -16.91 -3.72
N ASN A 60 -0.45 -16.25 -2.85
CA ASN A 60 0.65 -15.38 -3.30
C ASN A 60 1.96 -16.18 -3.28
N ASP A 61 3.05 -15.53 -3.68
CA ASP A 61 4.35 -16.20 -3.75
C ASP A 61 5.42 -15.64 -2.81
N GLY A 62 5.00 -15.29 -1.60
CA GLY A 62 5.92 -14.77 -0.60
C GLY A 62 6.87 -13.69 -1.09
N CYS A 63 8.17 -13.90 -0.84
CA CYS A 63 9.20 -12.95 -1.25
C CYS A 63 9.28 -12.88 -2.77
N GLY A 64 8.53 -13.75 -3.44
CA GLY A 64 8.53 -13.77 -4.88
C GLY A 64 7.45 -12.90 -5.51
N GLY A 65 6.70 -12.19 -4.68
CA GLY A 65 5.64 -11.34 -5.19
C GLY A 65 4.25 -11.83 -4.82
N GLY A 66 3.26 -10.96 -5.00
CA GLY A 66 1.89 -11.33 -4.69
C GLY A 66 0.93 -10.20 -5.00
N TYR A 67 -0.37 -10.52 -5.06
CA TYR A 67 -1.41 -9.54 -5.32
C TYR A 67 -2.07 -9.16 -4.00
N MET A 68 -2.32 -7.87 -3.81
CA MET A 68 -2.95 -7.37 -2.59
C MET A 68 -4.35 -7.97 -2.38
N THR A 69 -5.09 -8.15 -3.47
CA THR A 69 -6.43 -8.71 -3.34
C THR A 69 -6.39 -10.11 -2.73
N ASN A 70 -5.33 -10.86 -3.00
CA ASN A 70 -5.20 -12.20 -2.43
C ASN A 70 -4.98 -12.07 -0.93
N ALA A 71 -4.30 -11.00 -0.53
CA ALA A 71 -4.02 -10.75 0.88
C ALA A 71 -5.33 -10.51 1.62
N PHE A 72 -6.13 -9.58 1.10
CA PHE A 72 -7.41 -9.25 1.70
C PHE A 72 -8.26 -10.51 1.79
N GLN A 73 -8.31 -11.25 0.68
CA GLN A 73 -9.07 -12.50 0.60
C GLN A 73 -8.67 -13.40 1.75
N TYR A 74 -7.37 -13.58 1.91
CA TYR A 74 -6.81 -14.42 2.95
C TYR A 74 -7.32 -14.03 4.34
N VAL A 75 -7.19 -12.76 4.68
CA VAL A 75 -7.61 -12.26 5.98
C VAL A 75 -9.08 -12.57 6.28
N GLN A 76 -9.93 -12.42 5.26
CA GLN A 76 -11.35 -12.72 5.42
C GLN A 76 -11.56 -14.20 5.73
N LYS A 77 -11.01 -15.06 4.87
CA LYS A 77 -11.12 -16.51 5.06
C LYS A 77 -10.54 -16.93 6.41
N ASN A 78 -9.33 -16.46 6.70
CA ASN A 78 -8.63 -16.77 7.95
C ASN A 78 -9.33 -16.18 9.16
N ARG A 79 -10.22 -15.23 8.91
CA ARG A 79 -10.98 -14.55 9.97
C ARG A 79 -10.07 -13.74 10.90
N GLY A 80 -9.04 -13.13 10.33
CA GLY A 80 -8.14 -12.32 11.11
C GLY A 80 -6.70 -12.26 10.60
N ILE A 81 -5.98 -11.22 11.02
CA ILE A 81 -4.58 -11.03 10.68
C ILE A 81 -3.89 -10.64 11.97
N ASP A 82 -2.67 -11.13 12.18
CA ASP A 82 -1.93 -10.82 13.39
C ASP A 82 -1.32 -9.43 13.40
N SER A 83 -1.01 -8.95 14.60
CA SER A 83 -0.38 -7.65 14.76
C SER A 83 1.09 -7.88 14.45
N GLU A 84 1.82 -6.80 14.15
CA GLU A 84 3.23 -6.92 13.86
C GLU A 84 3.98 -7.55 15.04
N ASP A 85 3.52 -7.24 16.25
CA ASP A 85 4.14 -7.75 17.47
C ASP A 85 4.00 -9.25 17.66
N ALA A 86 2.83 -9.77 17.31
CA ALA A 86 2.57 -11.21 17.46
C ALA A 86 3.22 -12.03 16.35
N TYR A 87 3.42 -11.40 15.18
CA TYR A 87 3.99 -12.10 14.04
C TYR A 87 4.97 -11.14 13.37
N PRO A 88 6.12 -10.91 14.02
CA PRO A 88 7.20 -10.01 13.56
C PRO A 88 7.79 -10.31 12.18
N TYR A 89 8.15 -9.24 11.48
CA TYR A 89 8.73 -9.34 10.15
C TYR A 89 10.19 -9.79 10.21
N VAL A 90 10.51 -10.91 9.59
CA VAL A 90 11.89 -11.41 9.60
C VAL A 90 12.60 -11.24 8.26
N GLY A 91 11.86 -10.84 7.23
CA GLY A 91 12.46 -10.61 5.93
C GLY A 91 12.63 -11.80 5.00
N GLN A 92 11.96 -12.91 5.27
CA GLN A 92 12.06 -14.09 4.41
C GLN A 92 10.91 -15.03 4.73
N GLU A 93 10.48 -15.81 3.75
CA GLU A 93 9.36 -16.71 3.99
C GLU A 93 9.72 -17.91 4.87
N GLU A 94 8.77 -18.33 5.69
CA GLU A 94 8.93 -19.46 6.59
C GLU A 94 7.55 -20.07 6.73
N SER A 95 7.43 -21.17 7.48
CA SER A 95 6.13 -21.82 7.67
C SER A 95 5.12 -20.81 8.18
N CYS A 96 3.84 -21.10 7.96
CA CYS A 96 2.77 -20.23 8.41
C CYS A 96 2.56 -20.40 9.92
N MET A 97 2.92 -19.38 10.68
CA MET A 97 2.77 -19.42 12.14
C MET A 97 1.63 -18.53 12.64
N TYR A 98 0.55 -18.46 11.89
CA TYR A 98 -0.57 -17.63 12.31
C TYR A 98 -1.16 -18.14 13.62
N ASN A 99 -1.40 -17.20 14.55
CA ASN A 99 -1.96 -17.54 15.84
C ASN A 99 -3.11 -16.59 16.12
N PRO A 100 -4.32 -17.12 16.32
CA PRO A 100 -5.49 -16.28 16.58
C PRO A 100 -5.39 -15.43 17.85
N THR A 101 -4.49 -15.80 18.76
CA THR A 101 -4.35 -15.02 19.98
C THR A 101 -3.81 -13.62 19.69
N GLY A 102 -3.03 -13.49 18.61
CA GLY A 102 -2.47 -12.20 18.26
C GLY A 102 -3.22 -11.40 17.20
N LYS A 103 -4.50 -11.73 17.01
CA LYS A 103 -5.33 -11.04 16.02
C LYS A 103 -5.46 -9.54 16.32
N ALA A 104 -5.34 -8.71 15.29
CA ALA A 104 -5.45 -7.27 15.46
C ALA A 104 -6.42 -6.60 14.46
N ALA A 105 -6.96 -7.39 13.52
CA ALA A 105 -7.90 -6.85 12.55
C ALA A 105 -8.56 -7.94 11.73
N LYS A 106 -9.74 -7.61 11.18
CA LYS A 106 -10.49 -8.54 10.35
C LYS A 106 -10.79 -7.91 9.00
N CYS A 107 -11.24 -8.73 8.05
CA CYS A 107 -11.55 -8.26 6.72
C CYS A 107 -12.76 -8.99 6.17
N ARG A 108 -13.67 -8.25 5.55
CA ARG A 108 -14.87 -8.86 4.99
C ARG A 108 -14.90 -8.81 3.45
N GLY A 109 -13.73 -8.59 2.83
CA GLY A 109 -13.69 -8.56 1.38
C GLY A 109 -12.85 -7.44 0.80
N TYR A 110 -13.08 -7.14 -0.48
CA TYR A 110 -12.32 -6.08 -1.14
C TYR A 110 -12.99 -5.56 -2.41
N ARG A 111 -12.52 -4.41 -2.85
CA ARG A 111 -13.02 -3.78 -4.06
C ARG A 111 -11.86 -3.24 -4.89
N GLU A 112 -11.92 -3.48 -6.19
CA GLU A 112 -10.90 -3.00 -7.10
C GLU A 112 -11.42 -1.71 -7.70
N ILE A 113 -10.51 -0.78 -7.99
CA ILE A 113 -10.85 0.49 -8.61
C ILE A 113 -10.84 0.22 -10.12
N PRO A 114 -11.81 0.75 -10.87
CA PRO A 114 -11.78 0.48 -12.31
C PRO A 114 -10.41 0.82 -12.87
N GLU A 115 -9.83 -0.13 -13.60
CA GLU A 115 -8.50 0.03 -14.18
C GLU A 115 -8.29 1.27 -15.02
N GLY A 116 -7.29 2.06 -14.65
CA GLY A 116 -6.95 3.27 -15.39
C GLY A 116 -7.69 4.53 -14.99
N ASN A 117 -8.65 4.41 -14.08
CA ASN A 117 -9.45 5.55 -13.66
C ASN A 117 -8.90 6.32 -12.44
N GLU A 118 -8.14 7.38 -12.69
CA GLU A 118 -7.57 8.17 -11.60
C GLU A 118 -8.64 8.92 -10.81
N LYS A 119 -9.76 9.23 -11.46
CA LYS A 119 -10.84 9.92 -10.77
C LYS A 119 -11.46 8.98 -9.73
N ALA A 120 -11.73 7.74 -10.14
CA ALA A 120 -12.30 6.74 -9.26
C ALA A 120 -11.33 6.49 -8.10
N LEU A 121 -10.04 6.48 -8.40
CA LEU A 121 -9.01 6.27 -7.39
C LEU A 121 -9.02 7.44 -6.43
N LYS A 122 -9.22 8.64 -6.96
CA LYS A 122 -9.27 9.84 -6.13
C LYS A 122 -10.46 9.78 -5.16
N ARG A 123 -11.61 9.35 -5.68
CA ARG A 123 -12.80 9.25 -4.85
C ARG A 123 -12.67 8.18 -3.79
N ALA A 124 -12.04 7.06 -4.14
CA ALA A 124 -11.84 5.97 -3.22
C ALA A 124 -10.90 6.42 -2.08
N VAL A 125 -9.82 7.10 -2.44
CA VAL A 125 -8.91 7.59 -1.42
C VAL A 125 -9.69 8.50 -0.47
N ALA A 126 -10.53 9.36 -1.04
CA ALA A 126 -11.32 10.28 -0.23
C ALA A 126 -12.46 9.65 0.57
N ARG A 127 -13.10 8.62 0.04
CA ARG A 127 -14.23 8.02 0.74
C ARG A 127 -13.91 6.79 1.57
N VAL A 128 -12.84 6.09 1.23
CA VAL A 128 -12.46 4.88 1.95
C VAL A 128 -11.28 5.11 2.87
N GLY A 129 -10.22 5.67 2.30
CA GLY A 129 -9.00 5.93 3.05
C GLY A 129 -7.84 5.47 2.20
N PRO A 130 -6.70 5.16 2.81
CA PRO A 130 -5.51 4.70 2.06
C PRO A 130 -5.86 3.52 1.16
N VAL A 131 -5.42 3.60 -0.10
CA VAL A 131 -5.68 2.57 -1.10
C VAL A 131 -4.40 1.87 -1.56
N SER A 132 -4.47 0.54 -1.71
CA SER A 132 -3.34 -0.23 -2.18
C SER A 132 -3.22 -0.02 -3.69
N VAL A 133 -2.02 0.25 -4.17
CA VAL A 133 -1.80 0.45 -5.60
C VAL A 133 -0.51 -0.21 -6.06
N ALA A 134 -0.36 -0.31 -7.38
CA ALA A 134 0.83 -0.90 -7.97
C ALA A 134 1.33 0.02 -9.07
N ILE A 135 2.64 0.03 -9.27
CA ILE A 135 3.25 0.87 -10.28
C ILE A 135 4.49 0.20 -10.85
N ASP A 136 5.12 0.92 -11.76
CA ASP A 136 6.37 0.49 -12.36
C ASP A 136 7.39 1.33 -11.62
N ALA A 137 8.13 0.71 -10.70
CA ALA A 137 9.13 1.43 -9.92
C ALA A 137 10.54 1.00 -10.33
N SER A 138 10.71 0.58 -11.57
CA SER A 138 12.00 0.11 -12.07
C SER A 138 12.95 1.19 -12.56
N LEU A 139 12.41 2.33 -12.95
CA LEU A 139 13.24 3.43 -13.45
C LEU A 139 14.21 3.93 -12.38
N THR A 140 15.42 4.27 -12.81
CA THR A 140 16.44 4.79 -11.91
C THR A 140 15.99 6.14 -11.33
N SER A 141 15.33 6.94 -12.16
CA SER A 141 14.85 8.24 -11.71
C SER A 141 13.88 8.04 -10.53
N PHE A 142 13.14 6.94 -10.56
CA PHE A 142 12.20 6.66 -9.49
C PHE A 142 12.94 6.25 -8.22
N GLN A 143 13.86 5.32 -8.35
CA GLN A 143 14.56 4.84 -7.18
C GLN A 143 15.38 5.88 -6.43
N PHE A 144 15.98 6.85 -7.11
CA PHE A 144 16.76 7.87 -6.40
C PHE A 144 16.00 9.15 -6.09
N TYR A 145 14.67 9.07 -6.15
CA TYR A 145 13.80 10.20 -5.86
C TYR A 145 14.06 10.72 -4.44
N SER A 146 13.97 12.04 -4.25
CA SER A 146 14.17 12.63 -2.94
C SER A 146 13.14 13.72 -2.62
N LYS A 147 12.66 14.43 -3.64
CA LYS A 147 11.65 15.46 -3.41
C LYS A 147 10.97 15.95 -4.68
N GLY A 148 9.92 16.76 -4.50
CA GLY A 148 9.18 17.28 -5.63
C GLY A 148 8.13 16.28 -6.07
N VAL A 149 7.49 16.54 -7.21
CA VAL A 149 6.48 15.64 -7.73
C VAL A 149 7.10 14.82 -8.85
N TYR A 150 7.22 13.53 -8.61
CA TYR A 150 7.82 12.61 -9.56
C TYR A 150 7.02 12.44 -10.84
N TYR A 151 7.72 12.53 -11.96
CA TYR A 151 7.14 12.35 -13.28
C TYR A 151 8.24 12.06 -14.29
N ASP A 152 8.16 10.90 -14.92
CA ASP A 152 9.13 10.48 -15.92
C ASP A 152 8.32 9.73 -16.98
N GLU A 153 8.22 10.34 -18.16
CA GLU A 153 7.44 9.77 -19.25
C GLU A 153 7.77 8.33 -19.64
N SER A 154 8.99 7.89 -19.37
CA SER A 154 9.38 6.53 -19.73
C SER A 154 8.72 5.48 -18.84
N CYS A 155 8.16 5.91 -17.71
CA CYS A 155 7.50 5.01 -16.78
C CYS A 155 6.47 4.21 -17.57
N ASN A 156 6.58 2.89 -17.54
CA ASN A 156 5.68 2.01 -18.28
C ASN A 156 4.46 1.55 -17.49
N SER A 157 3.29 2.07 -17.85
CA SER A 157 2.04 1.73 -17.18
C SER A 157 1.64 0.27 -17.37
N ASP A 158 2.25 -0.40 -18.35
CA ASP A 158 1.93 -1.80 -18.60
C ASP A 158 2.93 -2.74 -17.95
N ASN A 159 3.77 -2.18 -17.09
CA ASN A 159 4.78 -2.98 -16.40
C ASN A 159 4.75 -2.71 -14.89
N LEU A 160 3.65 -3.12 -14.26
CA LEU A 160 3.48 -2.97 -12.83
C LEU A 160 4.38 -4.01 -12.16
N ASN A 161 5.29 -3.56 -11.30
CA ASN A 161 6.22 -4.48 -10.65
C ASN A 161 6.48 -4.16 -9.19
N HIS A 162 5.84 -3.12 -8.67
CA HIS A 162 6.05 -2.70 -7.29
C HIS A 162 4.74 -2.22 -6.67
N ALA A 163 4.38 -2.76 -5.51
CA ALA A 163 3.15 -2.38 -4.83
C ALA A 163 3.40 -1.34 -3.74
N VAL A 164 2.52 -0.34 -3.65
CA VAL A 164 2.64 0.71 -2.65
C VAL A 164 1.29 1.07 -2.06
N LEU A 165 1.25 2.16 -1.31
CA LEU A 165 0.02 2.60 -0.67
C LEU A 165 -0.22 4.10 -0.90
N ALA A 166 -1.39 4.43 -1.42
CA ALA A 166 -1.76 5.82 -1.65
C ALA A 166 -2.43 6.33 -0.38
N VAL A 167 -1.74 7.15 0.39
CA VAL A 167 -2.28 7.67 1.63
C VAL A 167 -2.85 9.08 1.51
N GLY A 168 -3.02 9.54 0.28
CA GLY A 168 -3.56 10.87 0.07
C GLY A 168 -3.30 11.41 -1.31
N TYR A 169 -3.63 12.69 -1.51
CA TYR A 169 -3.41 13.34 -2.79
C TYR A 169 -3.54 14.85 -2.62
N GLY A 170 -3.01 15.59 -3.59
CA GLY A 170 -3.06 17.03 -3.51
C GLY A 170 -2.34 17.74 -4.63
N ILE A 171 -1.63 18.81 -4.29
CA ILE A 171 -0.90 19.58 -5.28
C ILE A 171 0.29 20.33 -4.68
N GLN A 172 1.41 20.32 -5.38
CA GLN A 172 2.62 21.00 -4.94
C GLN A 172 3.16 21.76 -6.15
N LYS A 173 3.52 23.03 -5.95
CA LYS A 173 4.06 23.87 -7.02
C LYS A 173 3.25 23.76 -8.30
N GLY A 174 1.92 23.74 -8.18
CA GLY A 174 1.08 23.63 -9.35
C GLY A 174 0.95 22.23 -9.93
N ASN A 175 1.77 21.29 -9.47
CA ASN A 175 1.69 19.92 -9.99
C ASN A 175 0.87 19.01 -9.06
N LYS A 176 -0.22 18.47 -9.60
CA LYS A 176 -1.07 17.57 -8.83
C LYS A 176 -0.30 16.29 -8.58
N HIS A 177 -0.61 15.62 -7.46
CA HIS A 177 0.09 14.38 -7.14
C HIS A 177 -0.68 13.44 -6.21
N TRP A 178 -0.08 12.28 -6.01
CA TRP A 178 -0.59 11.24 -5.13
C TRP A 178 0.47 11.17 -4.04
N ILE A 179 0.06 10.97 -2.79
CA ILE A 179 1.02 10.83 -1.70
C ILE A 179 1.17 9.32 -1.54
N ILE A 180 2.36 8.81 -1.88
CA ILE A 180 2.65 7.38 -1.86
C ILE A 180 3.60 6.88 -0.75
N LYS A 181 3.12 5.93 0.04
CA LYS A 181 3.90 5.34 1.11
C LYS A 181 4.59 4.10 0.56
N ASN A 182 5.92 4.08 0.58
CA ASN A 182 6.69 2.94 0.08
C ASN A 182 7.12 2.07 1.25
N SER A 183 7.76 0.94 0.97
CA SER A 183 8.23 0.03 2.01
C SER A 183 9.72 -0.33 1.88
N TRP A 184 10.54 0.67 1.56
CA TRP A 184 11.98 0.47 1.43
C TRP A 184 12.69 1.19 2.57
N GLY A 185 11.96 1.47 3.65
CA GLY A 185 12.56 2.16 4.78
C GLY A 185 12.40 3.67 4.68
N GLU A 186 12.44 4.37 5.80
CA GLU A 186 12.30 5.82 5.75
C GLU A 186 13.52 6.46 5.12
N ASN A 187 14.57 5.67 4.95
CA ASN A 187 15.80 6.15 4.33
C ASN A 187 15.56 6.45 2.83
N TRP A 188 14.55 5.82 2.26
CA TRP A 188 14.22 6.00 0.84
C TRP A 188 13.35 7.23 0.58
N GLY A 189 13.54 7.82 -0.59
CA GLY A 189 12.77 8.99 -0.96
C GLY A 189 12.68 10.04 0.13
N ASN A 190 11.48 10.58 0.34
CA ASN A 190 11.26 11.59 1.36
C ASN A 190 10.72 10.94 2.64
N LYS A 191 11.63 10.45 3.47
CA LYS A 191 11.25 9.80 4.72
C LYS A 191 10.39 8.58 4.41
N GLY A 192 10.67 7.94 3.28
CA GLY A 192 9.93 6.76 2.90
C GLY A 192 8.77 7.00 1.95
N TYR A 193 8.43 8.28 1.74
CA TYR A 193 7.32 8.66 0.88
C TYR A 193 7.76 9.27 -0.46
N ILE A 194 6.83 9.33 -1.40
CA ILE A 194 7.11 9.92 -2.70
C ILE A 194 5.82 10.47 -3.32
N LEU A 195 5.86 11.71 -3.78
CA LEU A 195 4.71 12.33 -4.42
C LEU A 195 4.78 11.97 -5.91
N MET A 196 3.77 11.27 -6.41
CA MET A 196 3.74 10.87 -7.82
C MET A 196 2.65 11.63 -8.60
N ALA A 197 3.01 12.09 -9.81
CA ALA A 197 2.11 12.85 -10.66
C ALA A 197 0.70 12.29 -10.73
N ARG A 198 -0.29 13.15 -10.48
CA ARG A 198 -1.69 12.76 -10.53
C ARG A 198 -2.40 13.45 -11.70
N ASN A 199 -3.18 12.68 -12.45
CA ASN A 199 -3.92 13.21 -13.61
C ASN A 199 -2.98 13.57 -14.76
N LYS A 200 -1.84 12.89 -14.80
CA LYS A 200 -0.84 13.08 -15.85
C LYS A 200 -0.90 11.82 -16.72
N ASN A 201 -2.11 11.49 -17.15
CA ASN A 201 -2.36 10.33 -17.98
C ASN A 201 -2.01 9.01 -17.28
N ASN A 202 -2.35 8.91 -15.98
CA ASN A 202 -2.10 7.67 -15.24
C ASN A 202 -0.63 7.24 -15.27
N ALA A 203 0.25 8.19 -14.93
CA ALA A 203 1.70 7.96 -14.94
C ALA A 203 2.15 6.81 -14.04
N CYS A 204 2.99 5.94 -14.59
CA CYS A 204 3.51 4.78 -13.89
C CYS A 204 2.43 3.71 -13.70
N GLY A 205 1.24 3.98 -14.22
CA GLY A 205 0.14 3.01 -14.09
C GLY A 205 -0.46 3.02 -12.70
N ILE A 206 -0.30 4.14 -12.01
CA ILE A 206 -0.78 4.33 -10.66
C ILE A 206 -2.20 3.82 -10.40
N ALA A 207 -3.04 3.84 -11.43
CA ALA A 207 -4.42 3.39 -11.28
C ALA A 207 -4.77 2.06 -11.95
N ASN A 208 -3.77 1.33 -12.41
CA ASN A 208 -4.04 0.05 -13.08
C ASN A 208 -4.27 -1.15 -12.17
N LEU A 209 -4.00 -1.01 -10.87
CA LEU A 209 -4.19 -2.14 -9.96
C LEU A 209 -4.45 -1.64 -8.55
N ALA A 210 -5.44 -0.78 -8.39
CA ALA A 210 -5.77 -0.24 -7.09
C ALA A 210 -6.93 -0.99 -6.45
N SER A 211 -6.86 -1.15 -5.13
CA SER A 211 -7.91 -1.84 -4.38
C SER A 211 -7.81 -1.53 -2.91
N PHE A 212 -8.88 -1.84 -2.17
CA PHE A 212 -8.93 -1.61 -0.74
C PHE A 212 -9.75 -2.71 -0.07
N PRO A 213 -9.54 -2.91 1.23
CA PRO A 213 -10.28 -3.95 1.95
C PRO A 213 -11.53 -3.45 2.62
N LYS A 214 -12.59 -4.25 2.59
CA LYS A 214 -13.85 -3.91 3.25
C LYS A 214 -13.68 -4.41 4.68
N MET A 215 -14.03 -3.58 5.65
CA MET A 215 -13.88 -3.95 7.05
C MET A 215 -15.12 -3.51 7.82
S SO4 B . -9.13 17.24 -9.29
O1 SO4 B . -9.39 17.25 -7.84
O2 SO4 B . -9.86 18.34 -9.94
O3 SO4 B . -7.68 17.39 -9.55
O4 SO4 B . -9.58 15.95 -9.87
S SO4 C . 15.08 2.42 7.65
O1 SO4 C . 16.02 2.73 8.74
O2 SO4 C . 15.45 3.16 6.45
O3 SO4 C . 15.12 0.96 7.36
O4 SO4 C . 13.72 2.80 8.06
S SO4 D . 11.56 -4.87 -4.30
O1 SO4 D . 12.57 -4.58 -3.26
O2 SO4 D . 12.12 -4.54 -5.62
O3 SO4 D . 11.21 -6.30 -4.26
O4 SO4 D . 10.37 -4.04 -4.06
C1 CT2 E . 9.92 -10.31 -7.90
C2 CT2 E . 9.69 -9.64 -6.54
C3 CT2 E . 8.31 -8.96 -6.53
C4 CT2 E . 8.44 -7.55 -5.88
C5 CT2 E . 7.06 -7.06 -5.45
N8 CT2 E . 6.33 -6.70 -6.61
C9 CT2 E . 5.17 -7.29 -6.88
O10 CT2 E . 4.68 -8.10 -6.08
O11 CT2 E . 4.57 -6.99 -8.10
C12 CT2 E . 3.16 -7.25 -8.20
C13 CT2 E . 2.87 -8.82 -8.37
C14 CT2 E . 3.71 -9.41 -9.49
C15 CT2 E . 4.97 -9.95 -9.22
C16 CT2 E . 5.74 -10.49 -10.24
C17 CT2 E . 5.27 -10.50 -11.55
C18 CT2 E . 4.02 -9.97 -11.84
C19 CT2 E . 3.25 -9.42 -10.81
C20 CT2 E . 2.39 -6.68 -7.00
C21 CT2 E . 1.86 -5.33 -7.42
C22 CT2 E . 2.06 -5.20 -8.93
C23 CT2 E . 2.65 -6.51 -9.43
C6 CT2 E . 7.20 -5.82 -4.54
O7 CT2 E . 8.27 -6.03 -3.61
#